data_4EQU
#
_entry.id   4EQU
#
_cell.length_a   61.810
_cell.length_b   49.040
_cell.length_c   133.760
_cell.angle_alpha   90.000
_cell.angle_beta   101.420
_cell.angle_gamma   90.000
#
_symmetry.space_group_name_H-M   'P 1 21 1'
#
loop_
_entity.id
_entity.type
_entity.pdbx_description
1 polymer 'Serine/threonine-protein kinase 10'
2 non-polymer N-{3-[(3-{4-[(4-methoxyphenyl)amino]-1,3,5-triazin-2-yl}pyridin-2-yl)amino]-4-methylphenyl}-3-(trifluoromethyl)benzamide
3 non-polymer 'CALCIUM ION'
4 non-polymer 'PENTAETHYLENE GLYCOL'
5 water water
#
_entity_poly.entity_id   1
_entity_poly.type   'polypeptide(L)'
_entity_poly.pdbx_seq_one_letter_code
;SMRKSREYEHVRRDLDPNEVWEIVGELGDGAFGKVYKAKNKETGALAAAKVIETKSEEELEDYIVEIEILATCDHPYIVK
LLGAYYHDGKLWIMIEFCPGGAVDAIMLELDRGLTEPQIQVVCRQMLEALNFLHSKRIIHRDLKAGNVLMTLEGDIRLAD
FGVSAKNLKTLQKRDSFIGTPYWMAPEVVMCETMKDTPYDYKADIWSLGITLIEMAQIEPPHHELNPMRVLLKIAKSDPP
TLLTPSKWSVEFRDFLKIALDKNPETRPSAAQLLEHPFVSSITSNKALRELVAEAKAEVMEE
;
_entity_poly.pdbx_strand_id   A,B
#
# COMPACT_ATOMS: atom_id res chain seq x y z
N GLU A 9 8.88 -24.36 13.76
CA GLU A 9 8.81 -23.88 12.35
C GLU A 9 8.26 -24.97 11.43
N HIS A 10 8.16 -24.66 10.14
CA HIS A 10 7.86 -25.65 9.10
C HIS A 10 9.12 -26.04 8.36
N VAL A 11 10.28 -25.69 8.93
CA VAL A 11 11.57 -25.93 8.31
C VAL A 11 12.42 -26.79 9.24
N ARG A 12 12.97 -27.87 8.69
CA ARG A 12 13.76 -28.81 9.48
C ARG A 12 15.25 -28.48 9.38
N ARG A 13 15.90 -28.35 10.54
CA ARG A 13 17.36 -28.13 10.60
C ARG A 13 18.10 -29.40 10.96
N ASP A 14 17.38 -30.38 11.51
CA ASP A 14 17.95 -31.66 11.92
C ASP A 14 18.40 -32.51 10.73
N LEU A 15 17.63 -32.42 9.64
CA LEU A 15 17.79 -33.27 8.46
C LEU A 15 18.53 -32.57 7.31
N ASP A 16 19.56 -33.25 6.80
CA ASP A 16 20.24 -32.88 5.55
C ASP A 16 19.42 -33.41 4.36
N PRO A 17 18.95 -32.50 3.47
CA PRO A 17 18.11 -32.95 2.34
C PRO A 17 18.81 -33.90 1.35
N ASN A 18 20.13 -33.79 1.22
CA ASN A 18 20.89 -34.71 0.36
C ASN A 18 20.82 -36.16 0.80
N GLU A 19 20.50 -36.40 2.08
CA GLU A 19 20.31 -37.76 2.57
C GLU A 19 19.04 -38.39 2.00
N VAL A 20 18.04 -37.56 1.65
CA VAL A 20 16.73 -38.04 1.17
C VAL A 20 16.47 -37.72 -0.32
N TRP A 21 17.03 -36.61 -0.82
CA TRP A 21 16.78 -36.16 -2.20
C TRP A 21 18.01 -36.21 -3.07
N GLU A 22 17.82 -36.63 -4.31
CA GLU A 22 18.86 -36.61 -5.35
C GLU A 22 18.52 -35.56 -6.41
N ILE A 23 19.41 -34.58 -6.60
CA ILE A 23 19.26 -33.59 -7.68
C ILE A 23 19.59 -34.27 -9.00
N VAL A 24 18.61 -34.35 -9.90
CA VAL A 24 18.80 -35.05 -11.19
C VAL A 24 18.56 -34.16 -12.43
N GLY A 25 18.40 -32.86 -12.24
CA GLY A 25 18.24 -31.93 -13.38
C GLY A 25 18.12 -30.48 -12.93
N GLU A 26 18.01 -29.56 -13.90
CA GLU A 26 17.83 -28.14 -13.61
C GLU A 26 16.58 -27.61 -14.32
N LEU A 27 15.88 -26.69 -13.65
CA LEU A 27 14.65 -26.08 -14.19
C LEU A 27 14.79 -24.57 -14.23
N GLY A 33 17.72 -17.78 -6.28
CA GLY A 33 18.57 -18.97 -6.27
C GLY A 33 18.18 -19.92 -7.38
N LYS A 34 18.88 -21.05 -7.46
CA LYS A 34 18.61 -22.06 -8.49
C LYS A 34 17.39 -22.94 -8.15
N VAL A 35 16.88 -23.66 -9.14
CA VAL A 35 15.75 -24.57 -8.98
C VAL A 35 16.03 -25.88 -9.73
N TYR A 36 15.95 -27.00 -9.02
CA TYR A 36 16.31 -28.32 -9.56
C TYR A 36 15.12 -29.28 -9.69
N LYS A 37 15.22 -30.18 -10.66
CA LYS A 37 14.41 -31.38 -10.67
C LYS A 37 15.10 -32.31 -9.68
N ALA A 38 14.33 -32.85 -8.72
CA ALA A 38 14.85 -33.75 -7.68
C ALA A 38 14.05 -35.05 -7.59
N LYS A 39 14.74 -36.15 -7.29
CA LYS A 39 14.12 -37.47 -7.16
C LYS A 39 14.33 -38.03 -5.75
N ASN A 40 13.23 -38.49 -5.14
CA ASN A 40 13.26 -39.05 -3.78
C ASN A 40 13.93 -40.43 -3.76
N LYS A 41 15.00 -40.57 -2.98
CA LYS A 41 15.76 -41.82 -2.93
C LYS A 41 14.93 -43.00 -2.41
N GLU A 42 14.14 -42.78 -1.37
CA GLU A 42 13.22 -43.82 -0.85
C GLU A 42 12.08 -44.17 -1.82
N THR A 43 11.28 -43.17 -2.21
CA THR A 43 10.00 -43.38 -2.92
C THR A 43 10.06 -43.32 -4.46
N GLY A 44 10.94 -42.47 -4.98
CA GLY A 44 10.99 -42.22 -6.42
C GLY A 44 10.25 -40.96 -6.80
N ALA A 45 9.37 -40.47 -5.90
CA ALA A 45 8.64 -39.21 -6.08
C ALA A 45 9.53 -38.10 -6.65
N LEU A 46 8.99 -37.35 -7.59
CA LEU A 46 9.70 -36.26 -8.22
C LEU A 46 9.27 -34.94 -7.61
N ALA A 47 10.21 -34.02 -7.48
CA ALA A 47 9.97 -32.73 -6.86
C ALA A 47 10.76 -31.66 -7.59
N ALA A 48 10.31 -30.42 -7.47
CA ALA A 48 11.02 -29.24 -7.93
C ALA A 48 11.57 -28.61 -6.66
N ALA A 49 12.89 -28.40 -6.61
CA ALA A 49 13.55 -27.93 -5.40
C ALA A 49 14.16 -26.54 -5.58
N LYS A 50 13.67 -25.56 -4.81
CA LYS A 50 14.25 -24.23 -4.80
C LYS A 50 15.26 -24.08 -3.65
N VAL A 51 16.51 -23.78 -4.01
CA VAL A 51 17.59 -23.67 -3.04
C VAL A 51 18.07 -22.22 -2.99
N ILE A 52 18.11 -21.65 -1.79
CA ILE A 52 18.40 -20.23 -1.62
C ILE A 52 19.50 -19.98 -0.60
N GLU A 53 20.36 -19.01 -0.88
CA GLU A 53 21.46 -18.62 0.01
C GLU A 53 20.93 -18.01 1.31
N LEU A 60 16.21 -14.89 5.24
CA LEU A 60 15.29 -15.97 5.55
C LEU A 60 13.90 -15.46 5.95
N GLU A 61 13.86 -14.35 6.69
CA GLU A 61 12.60 -13.70 7.10
C GLU A 61 11.61 -13.54 5.94
N ASP A 62 12.08 -12.99 4.83
CA ASP A 62 11.27 -12.82 3.63
C ASP A 62 10.80 -14.17 3.10
N TYR A 63 11.67 -15.17 3.21
CA TYR A 63 11.43 -16.47 2.57
C TYR A 63 10.54 -17.44 3.35
N ILE A 64 10.49 -17.28 4.68
CA ILE A 64 9.59 -18.11 5.50
C ILE A 64 8.11 -17.81 5.21
N VAL A 65 7.83 -16.59 4.77
CA VAL A 65 6.46 -16.20 4.44
C VAL A 65 5.89 -17.16 3.39
N GLU A 66 6.69 -17.44 2.35
CA GLU A 66 6.26 -18.30 1.25
C GLU A 66 5.87 -19.69 1.74
N ILE A 67 6.65 -20.22 2.67
CA ILE A 67 6.48 -21.59 3.16
C ILE A 67 5.21 -21.73 4.02
N GLU A 68 4.93 -20.70 4.84
CA GLU A 68 3.71 -20.67 5.64
C GLU A 68 2.48 -20.61 4.74
N ILE A 69 2.53 -19.81 3.67
CA ILE A 69 1.42 -19.80 2.71
C ILE A 69 1.25 -21.19 2.09
N LEU A 70 2.31 -21.72 1.50
CA LEU A 70 2.26 -23.07 0.89
C LEU A 70 1.74 -24.11 1.89
N ALA A 71 2.24 -24.05 3.15
CA ALA A 71 1.83 -25.00 4.19
C ALA A 71 0.34 -24.92 4.50
N THR A 72 -0.26 -23.75 4.37
CA THR A 72 -1.70 -23.59 4.59
C THR A 72 -2.53 -23.99 3.38
N CYS A 73 -1.91 -23.97 2.20
CA CYS A 73 -2.64 -24.13 0.96
C CYS A 73 -2.68 -25.58 0.49
N ASP A 74 -3.29 -26.43 1.32
CA ASP A 74 -3.46 -27.82 0.97
C ASP A 74 -4.78 -27.99 0.19
N HIS A 75 -4.67 -28.09 -1.12
CA HIS A 75 -5.82 -28.19 -2.02
C HIS A 75 -5.38 -28.88 -3.32
N PRO A 76 -6.28 -29.66 -3.99
CA PRO A 76 -5.96 -30.39 -5.23
C PRO A 76 -5.38 -29.54 -6.38
N TYR A 77 -5.79 -28.28 -6.45
CA TYR A 77 -5.42 -27.40 -7.56
C TYR A 77 -4.41 -26.30 -7.17
N ILE A 78 -3.64 -26.52 -6.12
CA ILE A 78 -2.58 -25.59 -5.73
C ILE A 78 -1.32 -26.41 -5.53
N VAL A 79 -0.16 -25.87 -5.90
CA VAL A 79 1.11 -26.60 -5.74
C VAL A 79 1.17 -27.13 -4.34
N LYS A 80 1.80 -28.28 -4.20
CA LYS A 80 1.80 -29.05 -2.96
C LYS A 80 3.21 -29.09 -2.38
N LEU A 81 3.36 -28.54 -1.18
CA LEU A 81 4.64 -28.47 -0.51
C LEU A 81 4.96 -29.82 0.06
N LEU A 82 6.12 -30.36 -0.29
CA LEU A 82 6.55 -31.66 0.18
C LEU A 82 7.49 -31.52 1.36
N GLY A 83 8.20 -30.39 1.44
CA GLY A 83 9.11 -30.19 2.54
C GLY A 83 9.88 -28.90 2.42
N ALA A 84 10.45 -28.48 3.55
CA ALA A 84 11.33 -27.31 3.58
C ALA A 84 12.44 -27.61 4.59
N TYR A 85 13.68 -27.41 4.17
CA TYR A 85 14.84 -27.65 5.02
C TYR A 85 15.74 -26.42 5.05
N TYR A 86 16.37 -26.17 6.20
CA TYR A 86 17.48 -25.23 6.24
C TYR A 86 18.71 -26.00 6.71
N HIS A 87 19.72 -26.08 5.86
CA HIS A 87 20.90 -26.90 6.14
C HIS A 87 22.11 -26.40 5.39
N ASP A 88 23.22 -26.25 6.13
CA ASP A 88 24.50 -25.79 5.56
C ASP A 88 24.35 -24.44 4.84
N GLY A 89 23.70 -23.48 5.52
CA GLY A 89 23.51 -22.14 4.98
C GLY A 89 22.55 -22.00 3.80
N LYS A 90 21.85 -23.08 3.44
CA LYS A 90 20.97 -23.08 2.27
C LYS A 90 19.56 -23.48 2.69
N LEU A 91 18.57 -22.75 2.15
CA LEU A 91 17.15 -23.03 2.38
C LEU A 91 16.59 -23.83 1.21
N TRP A 92 15.98 -24.97 1.51
CA TRP A 92 15.38 -25.83 0.49
C TRP A 92 13.87 -25.76 0.59
N ILE A 93 13.21 -25.54 -0.55
CA ILE A 93 11.75 -25.59 -0.63
C ILE A 93 11.35 -26.57 -1.73
N MET A 94 10.69 -27.65 -1.33
CA MET A 94 10.41 -28.81 -2.19
C MET A 94 8.93 -28.85 -2.51
N ILE A 95 8.59 -28.64 -3.79
CA ILE A 95 7.21 -28.71 -4.29
C ILE A 95 7.01 -29.95 -5.15
N GLU A 96 5.80 -30.50 -5.17
CA GLU A 96 5.53 -31.67 -6.01
C GLU A 96 5.75 -31.28 -7.49
N PHE A 97 6.44 -32.16 -8.23
CA PHE A 97 6.77 -31.90 -9.63
C PHE A 97 5.51 -32.07 -10.50
N CYS A 98 5.29 -31.07 -11.35
CA CYS A 98 4.14 -31.03 -12.28
C CYS A 98 4.70 -31.26 -13.68
N PRO A 99 4.65 -32.51 -14.19
CA PRO A 99 5.38 -32.79 -15.42
C PRO A 99 4.87 -32.05 -16.67
N GLY A 100 3.66 -31.49 -16.62
CA GLY A 100 3.11 -30.84 -17.81
C GLY A 100 3.67 -29.46 -18.10
N GLY A 101 4.39 -28.87 -17.15
CA GLY A 101 4.87 -27.51 -17.30
C GLY A 101 3.74 -26.49 -17.15
N ALA A 102 4.06 -25.22 -17.43
CA ALA A 102 3.10 -24.13 -17.34
C ALA A 102 2.26 -23.98 -18.61
N VAL A 103 1.04 -23.45 -18.48
CA VAL A 103 0.12 -23.36 -19.62
C VAL A 103 0.68 -22.43 -20.72
N ASP A 104 1.34 -21.34 -20.37
CA ASP A 104 1.93 -20.46 -21.38
C ASP A 104 3.00 -21.17 -22.26
N ALA A 105 3.86 -21.95 -21.63
CA ALA A 105 4.83 -22.77 -22.34
C ALA A 105 4.15 -23.82 -23.25
N ILE A 106 3.03 -24.38 -22.81
CA ILE A 106 2.27 -25.33 -23.62
C ILE A 106 1.77 -24.66 -24.92
N MET A 107 1.29 -23.45 -24.80
CA MET A 107 0.80 -22.74 -25.96
C MET A 107 1.94 -22.41 -26.92
N LEU A 108 3.13 -22.14 -26.39
CA LEU A 108 4.27 -21.86 -27.24
C LEU A 108 4.69 -23.12 -27.96
N GLU A 109 4.72 -24.24 -27.26
CA GLU A 109 5.16 -25.51 -27.85
C GLU A 109 4.19 -26.00 -28.93
N LEU A 110 2.89 -25.82 -28.71
CA LEU A 110 1.90 -26.23 -29.72
C LEU A 110 1.65 -25.14 -30.77
N ASP A 111 2.18 -23.95 -30.53
CA ASP A 111 1.95 -22.80 -31.39
C ASP A 111 0.45 -22.51 -31.61
N ARG A 112 -0.32 -22.61 -30.55
CA ARG A 112 -1.71 -22.23 -30.57
C ARG A 112 -2.27 -21.97 -29.17
N GLY A 113 -3.42 -21.31 -29.17
CA GLY A 113 -4.22 -21.13 -27.97
C GLY A 113 -4.96 -22.39 -27.59
N LEU A 114 -5.62 -22.34 -26.45
CA LEU A 114 -6.43 -23.48 -25.99
C LEU A 114 -7.79 -23.43 -26.66
N THR A 115 -8.42 -24.60 -26.80
CA THR A 115 -9.78 -24.70 -27.32
C THR A 115 -10.67 -24.18 -26.22
N GLU A 116 -11.93 -23.85 -26.54
CA GLU A 116 -12.85 -23.44 -25.50
C GLU A 116 -13.05 -24.51 -24.44
N PRO A 117 -13.23 -25.80 -24.84
CA PRO A 117 -13.37 -26.80 -23.80
C PRO A 117 -12.17 -26.94 -22.85
N GLN A 118 -10.95 -26.70 -23.33
CA GLN A 118 -9.76 -26.69 -22.44
C GLN A 118 -9.76 -25.44 -21.50
N ILE A 119 -10.23 -24.30 -22.00
CA ILE A 119 -10.30 -23.09 -21.18
C ILE A 119 -11.38 -23.25 -20.09
N GLN A 120 -12.48 -23.94 -20.39
CA GLN A 120 -13.51 -24.22 -19.36
C GLN A 120 -12.99 -25.07 -18.21
N VAL A 121 -12.16 -26.06 -18.51
CA VAL A 121 -11.62 -26.89 -17.44
C VAL A 121 -10.68 -26.02 -16.62
N VAL A 122 -9.72 -25.34 -17.27
CA VAL A 122 -8.82 -24.43 -16.58
C VAL A 122 -9.61 -23.41 -15.73
N CYS A 123 -10.64 -22.80 -16.29
CA CYS A 123 -11.42 -21.80 -15.61
C CYS A 123 -12.12 -22.39 -14.37
N ARG A 124 -12.72 -23.55 -14.54
CA ARG A 124 -13.39 -24.23 -13.45
C ARG A 124 -12.46 -24.47 -12.28
N GLN A 125 -11.32 -25.08 -12.57
CA GLN A 125 -10.38 -25.45 -11.52
C GLN A 125 -9.68 -24.24 -10.87
N MET A 126 -9.39 -23.19 -11.66
CA MET A 126 -8.84 -21.94 -11.13
C MET A 126 -9.81 -21.28 -10.16
N LEU A 127 -11.08 -21.19 -10.56
CA LEU A 127 -12.12 -20.69 -9.69
C LEU A 127 -12.19 -21.46 -8.36
N GLU A 128 -12.18 -22.79 -8.42
CA GLU A 128 -12.13 -23.60 -7.19
C GLU A 128 -10.89 -23.26 -6.34
N ALA A 129 -9.74 -23.09 -6.99
CA ALA A 129 -8.51 -22.77 -6.23
C ALA A 129 -8.62 -21.39 -5.60
N LEU A 130 -9.18 -20.43 -6.34
CA LEU A 130 -9.27 -19.06 -5.87
C LEU A 130 -10.30 -18.99 -4.75
N ASN A 131 -11.39 -19.70 -4.90
CA ASN A 131 -12.36 -19.76 -3.82
C ASN A 131 -11.69 -20.23 -2.53
N PHE A 132 -10.83 -21.24 -2.62
CA PHE A 132 -10.07 -21.73 -1.46
C PHE A 132 -9.12 -20.67 -0.88
N LEU A 133 -8.24 -20.11 -1.72
CA LEU A 133 -7.30 -19.06 -1.27
C LEU A 133 -8.01 -17.89 -0.57
N HIS A 134 -9.08 -17.37 -1.18
CA HIS A 134 -9.82 -16.22 -0.67
C HIS A 134 -10.57 -16.51 0.62
N SER A 135 -11.10 -17.71 0.75
CA SER A 135 -11.76 -18.09 1.97
C SER A 135 -10.72 -18.26 3.11
N LYS A 136 -9.45 -18.41 2.78
CA LYS A 136 -8.38 -18.37 3.78
C LYS A 136 -7.71 -16.98 3.90
N ARG A 137 -8.31 -15.96 3.28
CA ARG A 137 -7.77 -14.60 3.28
C ARG A 137 -6.42 -14.50 2.58
N ILE A 138 -6.19 -15.38 1.60
CA ILE A 138 -4.98 -15.32 0.79
C ILE A 138 -5.36 -14.78 -0.57
N ILE A 139 -4.62 -13.78 -1.02
CA ILE A 139 -4.78 -13.23 -2.34
C ILE A 139 -3.53 -13.57 -3.19
N HIS A 140 -3.74 -13.98 -4.43
CA HIS A 140 -2.63 -14.42 -5.24
C HIS A 140 -1.86 -13.24 -5.79
N ARG A 141 -2.59 -12.36 -6.48
CA ARG A 141 -2.09 -11.07 -7.03
C ARG A 141 -1.13 -11.16 -8.21
N ASP A 142 -0.84 -12.36 -8.71
CA ASP A 142 -0.08 -12.47 -9.95
C ASP A 142 -0.63 -13.56 -10.90
N LEU A 143 -1.95 -13.69 -11.01
CA LEU A 143 -2.48 -14.71 -11.89
C LEU A 143 -2.10 -14.44 -13.34
N LYS A 144 -1.68 -15.49 -14.03
CA LYS A 144 -1.37 -15.48 -15.46
C LYS A 144 -1.14 -16.94 -15.87
N ALA A 145 -1.14 -17.22 -17.15
CA ALA A 145 -0.99 -18.63 -17.62
C ALA A 145 0.36 -19.22 -17.21
N GLY A 146 1.37 -18.37 -17.01
CA GLY A 146 2.69 -18.83 -16.59
C GLY A 146 2.73 -19.30 -15.15
N ASN A 147 1.67 -19.00 -14.41
CA ASN A 147 1.50 -19.49 -13.06
C ASN A 147 0.55 -20.64 -12.92
N VAL A 148 0.11 -21.25 -14.01
CA VAL A 148 -0.73 -22.44 -13.95
C VAL A 148 0.07 -23.63 -14.42
N LEU A 149 0.48 -24.49 -13.48
CA LEU A 149 1.19 -25.72 -13.81
C LEU A 149 0.18 -26.84 -14.11
N MET A 150 0.59 -27.82 -14.93
CA MET A 150 -0.30 -28.92 -15.36
C MET A 150 0.25 -30.24 -14.94
N THR A 151 -0.63 -31.13 -14.47
CA THR A 151 -0.26 -32.51 -14.24
C THR A 151 -0.67 -33.34 -15.44
N LEU A 152 -0.13 -34.54 -15.53
CA LEU A 152 -0.38 -35.41 -16.69
C LEU A 152 -1.79 -36.00 -16.64
N GLU A 153 -2.46 -35.91 -15.49
CA GLU A 153 -3.87 -36.26 -15.36
C GLU A 153 -4.78 -35.21 -15.97
N GLY A 154 -4.24 -34.04 -16.31
CA GLY A 154 -5.05 -32.93 -16.78
C GLY A 154 -5.64 -32.08 -15.68
N ASP A 155 -4.97 -32.00 -14.54
CA ASP A 155 -5.37 -31.00 -13.52
C ASP A 155 -4.37 -29.87 -13.45
N ILE A 156 -4.85 -28.67 -13.15
CA ILE A 156 -3.95 -27.55 -12.88
C ILE A 156 -3.34 -27.64 -11.48
N ARG A 157 -2.24 -26.92 -11.27
CA ARG A 157 -1.73 -26.59 -9.94
C ARG A 157 -1.34 -25.11 -10.01
N LEU A 158 -2.03 -24.28 -9.27
CA LEU A 158 -1.77 -22.85 -9.24
C LEU A 158 -0.47 -22.63 -8.48
N ALA A 159 0.43 -21.84 -9.06
CA ALA A 159 1.76 -21.61 -8.54
C ALA A 159 2.03 -20.12 -8.54
N ASP A 160 3.19 -19.76 -8.00
CA ASP A 160 3.72 -18.42 -8.15
C ASP A 160 5.23 -18.47 -8.10
N PHE A 161 5.87 -17.81 -9.05
CA PHE A 161 7.30 -17.79 -9.18
C PHE A 161 7.84 -16.33 -9.05
N GLY A 162 9.15 -16.18 -9.10
CA GLY A 162 9.79 -14.86 -9.12
C GLY A 162 9.78 -14.23 -7.73
N VAL A 163 9.36 -12.97 -7.64
CA VAL A 163 9.09 -12.34 -6.35
C VAL A 163 7.65 -12.71 -5.96
N SER A 164 7.48 -13.92 -5.45
CA SER A 164 6.17 -14.45 -5.05
C SER A 164 5.30 -13.33 -4.49
N ALA A 165 4.14 -13.14 -5.11
CA ALA A 165 3.26 -12.01 -4.80
C ALA A 165 2.11 -12.37 -3.85
N LYS A 166 1.98 -13.64 -3.48
CA LYS A 166 0.91 -14.07 -2.56
C LYS A 166 1.09 -13.55 -1.12
N ASN A 167 -0.04 -13.27 -0.45
CA ASN A 167 -0.02 -12.72 0.91
C ASN A 167 -1.41 -12.65 1.56
N LEU A 168 -1.44 -12.64 2.89
CA LEU A 168 -2.68 -12.46 3.64
C LEU A 168 -3.31 -11.09 3.34
N ILE A 178 -1.86 4.93 8.24
CA ILE A 178 -2.16 5.57 6.97
C ILE A 178 -2.61 7.04 7.12
N GLY A 179 -2.81 7.50 8.35
CA GLY A 179 -3.37 8.83 8.65
C GLY A 179 -4.65 8.75 9.48
N THR A 180 -5.05 9.87 10.07
CA THR A 180 -6.30 9.93 10.87
C THR A 180 -7.48 10.21 9.92
N PRO A 181 -8.60 9.47 10.09
CA PRO A 181 -9.53 9.31 8.96
C PRO A 181 -10.26 10.58 8.52
N TYR A 182 -10.61 11.46 9.45
CA TYR A 182 -11.30 12.73 9.10
C TYR A 182 -10.51 13.58 8.07
N TRP A 183 -9.17 13.52 8.12
CA TRP A 183 -8.31 14.34 7.23
C TRP A 183 -7.87 13.65 5.94
N MET A 184 -8.26 12.39 5.75
CA MET A 184 -7.78 11.57 4.62
C MET A 184 -8.40 11.95 3.28
N ALA A 185 -7.55 12.06 2.26
CA ALA A 185 -7.98 12.29 0.86
C ALA A 185 -8.81 11.09 0.37
N PRO A 186 -9.81 11.34 -0.48
CA PRO A 186 -10.66 10.27 -0.98
C PRO A 186 -9.90 9.12 -1.65
N GLU A 187 -8.87 9.43 -2.45
CA GLU A 187 -8.07 8.40 -3.11
C GLU A 187 -7.31 7.53 -2.09
N VAL A 188 -6.95 8.10 -0.94
CA VAL A 188 -6.26 7.32 0.12
C VAL A 188 -7.27 6.41 0.83
N VAL A 189 -8.48 6.92 1.07
CA VAL A 189 -9.55 6.10 1.63
C VAL A 189 -9.80 4.90 0.70
N MET A 190 -9.90 5.16 -0.60
CA MET A 190 -10.19 4.11 -1.58
C MET A 190 -9.08 3.07 -1.66
N CYS A 191 -7.83 3.51 -1.63
CA CYS A 191 -6.71 2.58 -1.73
C CYS A 191 -6.40 1.84 -0.41
N GLU A 192 -6.85 2.37 0.72
CA GLU A 192 -6.90 1.57 1.98
C GLU A 192 -8.07 0.58 2.04
N THR A 193 -9.25 0.99 1.53
CA THR A 193 -10.42 0.09 1.48
C THR A 193 -10.19 -1.07 0.52
N MET A 194 -9.39 -0.87 -0.54
CA MET A 194 -9.04 -1.95 -1.50
C MET A 194 -8.10 -3.01 -0.90
N LYS A 195 -7.51 -2.72 0.26
CA LYS A 195 -6.50 -3.61 0.89
C LYS A 195 -7.04 -4.64 1.91
N ASP A 196 -8.31 -4.52 2.28
CA ASP A 196 -8.93 -5.54 3.14
C ASP A 196 -10.18 -6.12 2.47
N THR A 197 -10.83 -7.06 3.16
CA THR A 197 -12.03 -7.72 2.66
C THR A 197 -13.20 -6.75 2.47
N PRO A 198 -14.07 -6.97 1.46
CA PRO A 198 -14.04 -7.99 0.41
C PRO A 198 -13.48 -7.49 -0.92
N TYR A 199 -12.77 -6.37 -0.89
CA TYR A 199 -12.30 -5.71 -2.12
C TYR A 199 -10.99 -6.29 -2.64
N ASP A 200 -10.09 -6.64 -1.73
CA ASP A 200 -8.77 -7.12 -2.10
C ASP A 200 -8.80 -8.37 -2.98
N TYR A 201 -9.68 -9.31 -2.67
N TYR A 201 -9.69 -9.31 -2.66
CA TYR A 201 -9.79 -10.57 -3.42
CA TYR A 201 -9.78 -10.55 -3.40
C TYR A 201 -10.25 -10.34 -4.86
C TYR A 201 -10.27 -10.35 -4.85
N LYS A 202 -10.99 -9.26 -5.09
CA LYS A 202 -11.52 -8.96 -6.44
C LYS A 202 -10.46 -8.80 -7.53
N ALA A 203 -9.24 -8.36 -7.14
CA ALA A 203 -8.13 -8.18 -8.07
C ALA A 203 -7.83 -9.49 -8.82
N ASP A 204 -7.81 -10.60 -8.10
CA ASP A 204 -7.64 -11.93 -8.67
C ASP A 204 -8.73 -12.29 -9.70
N ILE A 205 -9.97 -11.87 -9.46
CA ILE A 205 -11.06 -12.18 -10.40
C ILE A 205 -10.82 -11.52 -11.76
N TRP A 206 -10.40 -10.26 -11.71
CA TRP A 206 -9.93 -9.57 -12.91
C TRP A 206 -8.79 -10.28 -13.62
N SER A 207 -7.70 -10.58 -12.91
CA SER A 207 -6.56 -11.22 -13.50
C SER A 207 -6.92 -12.58 -14.12
N LEU A 208 -7.90 -13.26 -13.50
CA LEU A 208 -8.43 -14.52 -14.03
C LEU A 208 -9.04 -14.29 -15.40
N GLY A 209 -9.87 -13.26 -15.50
CA GLY A 209 -10.43 -12.89 -16.79
C GLY A 209 -9.37 -12.62 -17.85
N ILE A 210 -8.29 -11.94 -17.49
CA ILE A 210 -7.24 -11.66 -18.47
C ILE A 210 -6.50 -12.96 -18.81
N THR A 211 -6.33 -13.86 -17.83
CA THR A 211 -5.67 -15.14 -18.08
C THR A 211 -6.46 -15.98 -19.11
N LEU A 212 -7.79 -15.93 -19.05
CA LEU A 212 -8.64 -16.63 -20.00
C LEU A 212 -8.47 -16.10 -21.43
N ILE A 213 -8.30 -14.80 -21.56
CA ILE A 213 -8.02 -14.20 -22.86
C ILE A 213 -6.64 -14.61 -23.34
N GLU A 214 -5.65 -14.60 -22.44
CA GLU A 214 -4.30 -15.05 -22.76
C GLU A 214 -4.34 -16.49 -23.27
N MET A 215 -5.10 -17.36 -22.62
CA MET A 215 -5.20 -18.74 -23.08
C MET A 215 -5.95 -18.86 -24.41
N ALA A 216 -6.91 -17.98 -24.65
CA ALA A 216 -7.65 -17.99 -25.91
C ALA A 216 -6.83 -17.43 -27.08
N GLN A 217 -5.98 -16.42 -26.81
CA GLN A 217 -5.30 -15.66 -27.86
C GLN A 217 -3.76 -15.74 -27.81
N ILE A 218 -3.22 -16.51 -26.87
CA ILE A 218 -1.77 -16.65 -26.59
C ILE A 218 -1.16 -15.47 -25.83
N GLU A 219 -1.47 -14.26 -26.29
CA GLU A 219 -1.00 -13.03 -25.66
C GLU A 219 -2.13 -12.38 -24.88
N PRO A 220 -1.84 -11.75 -23.73
CA PRO A 220 -2.88 -10.93 -23.09
C PRO A 220 -3.23 -9.68 -23.91
N PRO A 221 -4.34 -9.03 -23.61
CA PRO A 221 -4.64 -7.72 -24.22
C PRO A 221 -3.51 -6.69 -24.02
N HIS A 222 -3.34 -5.82 -25.01
CA HIS A 222 -2.35 -4.73 -24.97
C HIS A 222 -0.92 -5.27 -24.95
N HIS A 223 -0.70 -6.51 -25.38
CA HIS A 223 0.64 -7.09 -25.38
C HIS A 223 1.62 -6.32 -26.26
N GLU A 224 1.11 -5.52 -27.18
CA GLU A 224 1.95 -4.73 -28.10
C GLU A 224 2.58 -3.51 -27.44
N LEU A 225 1.96 -3.04 -26.35
CA LEU A 225 2.41 -1.85 -25.66
C LEU A 225 3.50 -2.18 -24.66
N ASN A 226 4.44 -1.27 -24.45
CA ASN A 226 5.44 -1.50 -23.42
C ASN A 226 4.76 -1.46 -22.03
N PRO A 227 5.41 -2.07 -21.01
CA PRO A 227 4.80 -2.32 -19.69
C PRO A 227 4.26 -1.09 -18.96
N MET A 228 4.89 0.06 -19.17
CA MET A 228 4.50 1.28 -18.52
C MET A 228 3.28 1.89 -19.18
N ARG A 229 3.23 1.88 -20.51
CA ARG A 229 2.04 2.35 -21.22
C ARG A 229 0.82 1.46 -20.99
N VAL A 230 1.03 0.15 -20.79
CA VAL A 230 -0.10 -0.74 -20.61
C VAL A 230 -0.90 -0.40 -19.31
N LEU A 231 -0.22 0.06 -18.26
CA LEU A 231 -0.89 0.54 -17.02
C LEU A 231 -1.89 1.66 -17.28
N LEU A 232 -1.46 2.70 -17.98
CA LEU A 232 -2.35 3.77 -18.42
C LEU A 232 -3.54 3.19 -19.18
N LYS A 233 -3.25 2.32 -20.14
CA LYS A 233 -4.27 1.67 -20.95
C LYS A 233 -5.32 0.90 -20.13
N ILE A 234 -4.86 0.12 -19.16
CA ILE A 234 -5.77 -0.66 -18.29
C ILE A 234 -6.68 0.28 -17.48
N ALA A 235 -6.13 1.38 -16.98
CA ALA A 235 -6.88 2.29 -16.12
C ALA A 235 -7.96 3.07 -16.90
N LYS A 236 -7.66 3.44 -18.14
CA LYS A 236 -8.48 4.37 -18.90
C LYS A 236 -9.38 3.73 -19.97
N SER A 237 -9.08 2.50 -20.39
CA SER A 237 -9.85 1.83 -21.44
C SER A 237 -11.05 1.05 -20.91
N ASP A 238 -12.03 0.82 -21.77
CA ASP A 238 -13.07 -0.18 -21.50
C ASP A 238 -12.41 -1.53 -21.27
N PRO A 239 -13.10 -2.44 -20.57
CA PRO A 239 -12.49 -3.75 -20.36
C PRO A 239 -12.22 -4.48 -21.67
N PRO A 240 -11.16 -5.28 -21.73
CA PRO A 240 -10.85 -6.00 -22.96
C PRO A 240 -11.88 -7.08 -23.29
N THR A 241 -12.07 -7.37 -24.58
CA THR A 241 -12.96 -8.45 -25.03
C THR A 241 -12.17 -9.32 -26.01
N LEU A 242 -12.73 -10.48 -26.38
CA LEU A 242 -12.06 -11.41 -27.31
C LEU A 242 -11.99 -10.83 -28.74
N LEU A 243 -10.86 -11.04 -29.40
CA LEU A 243 -10.63 -10.47 -30.75
C LEU A 243 -11.62 -10.94 -31.83
N THR A 244 -11.95 -12.23 -31.84
CA THR A 244 -12.89 -12.77 -32.81
C THR A 244 -14.06 -13.42 -32.11
N PRO A 245 -15.04 -12.61 -31.66
CA PRO A 245 -16.13 -13.12 -30.81
C PRO A 245 -16.93 -14.26 -31.42
N SER A 246 -16.96 -14.36 -32.76
CA SER A 246 -17.68 -15.45 -33.43
C SER A 246 -17.02 -16.82 -33.27
N LYS A 247 -15.76 -16.87 -32.83
CA LYS A 247 -15.10 -18.14 -32.50
C LYS A 247 -15.55 -18.73 -31.17
N TRP A 248 -16.22 -17.95 -30.34
CA TRP A 248 -16.43 -18.32 -28.95
C TRP A 248 -17.86 -18.28 -28.56
N SER A 249 -18.25 -19.11 -27.59
CA SER A 249 -19.63 -19.19 -27.17
C SER A 249 -20.05 -17.92 -26.42
N VAL A 250 -21.36 -17.70 -26.36
CA VAL A 250 -21.91 -16.57 -25.63
C VAL A 250 -21.62 -16.71 -24.14
N GLU A 251 -21.56 -17.95 -23.65
CA GLU A 251 -21.22 -18.19 -22.24
C GLU A 251 -19.83 -17.65 -21.88
N PHE A 252 -18.86 -17.83 -22.77
CA PHE A 252 -17.47 -17.39 -22.54
C PHE A 252 -17.42 -15.87 -22.53
N ARG A 253 -18.06 -15.26 -23.52
CA ARG A 253 -18.07 -13.82 -23.65
C ARG A 253 -18.82 -13.11 -22.51
N ASP A 254 -19.92 -13.69 -22.08
CA ASP A 254 -20.63 -13.19 -20.90
C ASP A 254 -19.82 -13.38 -19.61
N PHE A 255 -19.14 -14.51 -19.49
CA PHE A 255 -18.31 -14.73 -18.33
C PHE A 255 -17.26 -13.62 -18.22
N LEU A 256 -16.58 -13.33 -19.33
CA LEU A 256 -15.59 -12.26 -19.40
C LEU A 256 -16.17 -10.88 -19.09
N LYS A 257 -17.29 -10.56 -19.70
CA LYS A 257 -17.98 -9.31 -19.48
C LYS A 257 -18.20 -9.07 -17.99
N ILE A 258 -18.71 -10.09 -17.33
CA ILE A 258 -18.96 -10.07 -15.90
C ILE A 258 -17.67 -10.05 -15.06
N ALA A 259 -16.70 -10.88 -15.39
CA ALA A 259 -15.46 -10.93 -14.60
C ALA A 259 -14.60 -9.68 -14.81
N LEU A 260 -14.60 -9.13 -16.03
CA LEU A 260 -13.76 -7.95 -16.33
C LEU A 260 -14.57 -6.65 -16.12
N ASP A 261 -15.10 -6.54 -14.90
CA ASP A 261 -15.82 -5.38 -14.42
C ASP A 261 -14.79 -4.46 -13.79
N LYS A 262 -14.67 -3.24 -14.30
CA LYS A 262 -13.65 -2.31 -13.75
C LYS A 262 -13.93 -1.90 -12.31
N ASN A 263 -15.20 -2.01 -11.88
CA ASN A 263 -15.60 -1.68 -10.53
C ASN A 263 -15.47 -2.88 -9.60
N PRO A 264 -14.46 -2.87 -8.70
CA PRO A 264 -14.32 -4.03 -7.82
C PRO A 264 -15.52 -4.28 -6.89
N GLU A 265 -16.33 -3.26 -6.64
CA GLU A 265 -17.54 -3.37 -5.82
C GLU A 265 -18.56 -4.35 -6.41
N THR A 266 -18.80 -4.22 -7.70
CA THR A 266 -19.76 -5.07 -8.41
C THR A 266 -19.10 -6.31 -9.06
N ARG A 267 -17.76 -6.42 -9.04
CA ARG A 267 -17.10 -7.57 -9.64
C ARG A 267 -17.45 -8.80 -8.81
N PRO A 268 -17.88 -9.89 -9.46
CA PRO A 268 -18.31 -11.04 -8.65
C PRO A 268 -17.12 -11.74 -8.03
N SER A 269 -17.41 -12.58 -7.03
CA SER A 269 -16.43 -13.42 -6.34
C SER A 269 -16.19 -14.77 -7.07
N ALA A 270 -15.17 -15.50 -6.66
CA ALA A 270 -14.94 -16.83 -7.18
C ALA A 270 -16.17 -17.73 -6.99
N ALA A 271 -16.79 -17.69 -5.80
CA ALA A 271 -17.93 -18.56 -5.50
C ALA A 271 -19.11 -18.25 -6.42
N GLN A 272 -19.31 -16.98 -6.73
CA GLN A 272 -20.40 -16.59 -7.61
C GLN A 272 -20.18 -17.08 -9.04
N LEU A 273 -18.96 -16.89 -9.55
CA LEU A 273 -18.64 -17.27 -10.91
C LEU A 273 -18.69 -18.78 -11.13
N LEU A 274 -18.53 -19.57 -10.06
CA LEU A 274 -18.67 -21.01 -10.19
C LEU A 274 -20.11 -21.42 -10.57
N GLU A 275 -21.07 -20.51 -10.46
CA GLU A 275 -22.45 -20.80 -10.86
C GLU A 275 -22.77 -20.24 -12.24
N HIS A 276 -21.79 -19.67 -12.90
CA HIS A 276 -22.02 -19.16 -14.25
C HIS A 276 -22.04 -20.33 -15.20
N PRO A 277 -22.92 -20.29 -16.23
CA PRO A 277 -22.99 -21.42 -17.16
C PRO A 277 -21.72 -21.73 -17.95
N PHE A 278 -20.74 -20.84 -17.95
CA PHE A 278 -19.47 -21.12 -18.62
C PHE A 278 -18.78 -22.30 -17.96
N VAL A 279 -18.98 -22.45 -16.64
CA VAL A 279 -18.29 -23.46 -15.85
C VAL A 279 -19.18 -24.33 -14.96
N SER A 280 -20.46 -23.98 -14.79
CA SER A 280 -21.31 -24.68 -13.81
C SER A 280 -21.61 -26.14 -14.17
N SER A 281 -21.53 -26.48 -15.45
CA SER A 281 -21.72 -27.87 -15.91
C SER A 281 -20.44 -28.67 -16.17
N ILE A 282 -19.27 -28.08 -15.95
CA ILE A 282 -18.03 -28.79 -16.22
C ILE A 282 -17.81 -29.81 -15.13
N THR A 283 -17.83 -31.08 -15.51
CA THR A 283 -17.63 -32.18 -14.57
C THR A 283 -16.52 -33.14 -14.99
N SER A 284 -15.82 -32.82 -16.08
CA SER A 284 -14.73 -33.65 -16.57
C SER A 284 -13.49 -32.83 -16.92
N ASN A 285 -12.29 -33.36 -16.67
CA ASN A 285 -11.05 -32.69 -17.07
C ASN A 285 -10.49 -33.28 -18.38
N LYS A 286 -11.31 -34.09 -19.07
CA LYS A 286 -10.90 -34.77 -20.32
C LYS A 286 -10.16 -33.84 -21.28
N ALA A 287 -10.78 -32.71 -21.61
CA ALA A 287 -10.23 -31.77 -22.58
C ALA A 287 -8.82 -31.32 -22.24
N LEU A 288 -8.57 -31.15 -20.94
CA LEU A 288 -7.28 -30.68 -20.48
C LEU A 288 -6.25 -31.83 -20.42
N ARG A 289 -6.70 -33.02 -20.06
CA ARG A 289 -5.85 -34.21 -20.15
C ARG A 289 -5.36 -34.43 -21.60
N GLU A 290 -6.22 -34.18 -22.59
CA GLU A 290 -5.88 -34.33 -24.00
C GLU A 290 -4.80 -33.30 -24.39
N LEU A 291 -4.98 -32.04 -23.93
CA LEU A 291 -3.97 -31.00 -24.14
C LEU A 291 -2.61 -31.42 -23.61
N VAL A 292 -2.55 -31.97 -22.42
CA VAL A 292 -1.24 -32.32 -21.86
C VAL A 292 -0.62 -33.51 -22.61
N ALA A 293 -1.42 -34.49 -23.00
CA ALA A 293 -0.92 -35.61 -23.82
C ALA A 293 -0.32 -35.08 -25.13
N GLU A 294 -1.04 -34.17 -25.80
CA GLU A 294 -0.55 -33.58 -27.06
C GLU A 294 0.72 -32.76 -26.87
N ALA A 295 0.80 -31.98 -25.79
CA ALA A 295 2.01 -31.19 -25.52
C ALA A 295 3.22 -32.07 -25.31
N LYS A 296 3.04 -33.12 -24.51
CA LYS A 296 4.08 -34.13 -24.31
C LYS A 296 4.55 -34.77 -25.61
N ALA A 297 3.60 -35.15 -26.46
CA ALA A 297 3.97 -35.80 -27.72
C ALA A 297 4.75 -34.81 -28.60
N GLU A 298 4.37 -33.54 -28.54
CA GLU A 298 5.02 -32.47 -29.33
C GLU A 298 6.43 -32.23 -28.84
N VAL A 299 6.57 -32.11 -27.53
CA VAL A 299 7.90 -31.98 -26.93
C VAL A 299 8.84 -33.09 -27.38
N MET A 300 8.31 -34.28 -27.60
CA MET A 300 9.13 -35.45 -27.91
C MET A 300 9.79 -35.36 -29.30
N GLU A 301 9.21 -34.56 -30.19
CA GLU A 301 9.70 -34.43 -31.57
C GLU A 301 11.16 -34.00 -31.70
N GLU A 302 11.91 -34.79 -32.47
CA GLU A 302 13.29 -34.49 -32.82
C GLU A 302 13.70 -35.36 -34.02
N GLU B 9 26.36 7.61 11.50
CA GLU B 9 24.89 7.73 11.56
C GLU B 9 24.49 9.16 11.93
N HIS B 10 23.18 9.36 12.14
CA HIS B 10 22.67 10.58 12.76
C HIS B 10 22.35 10.35 14.21
N VAL B 11 22.86 9.26 14.76
CA VAL B 11 22.60 8.85 16.14
C VAL B 11 23.90 8.55 16.86
N ARG B 12 24.09 9.18 18.02
CA ARG B 12 25.31 9.05 18.78
C ARG B 12 25.17 8.00 19.87
N ARG B 13 26.10 7.04 19.90
CA ARG B 13 26.16 6.01 20.95
C ARG B 13 27.24 6.32 21.98
N ASP B 14 28.17 7.20 21.61
CA ASP B 14 29.31 7.57 22.47
C ASP B 14 28.86 8.40 23.67
N LEU B 15 27.86 9.24 23.45
CA LEU B 15 27.41 10.23 24.44
C LEU B 15 26.12 9.80 25.16
N ASP B 16 26.17 9.89 26.48
CA ASP B 16 25.00 9.79 27.36
C ASP B 16 24.25 11.13 27.40
N PRO B 17 22.97 11.14 26.97
CA PRO B 17 22.23 12.42 26.91
C PRO B 17 22.01 13.10 28.27
N ASN B 18 21.95 12.32 29.34
CA ASN B 18 21.87 12.88 30.71
C ASN B 18 23.06 13.76 31.08
N GLU B 19 24.19 13.57 30.40
CA GLU B 19 25.36 14.45 30.62
C GLU B 19 25.12 15.85 30.08
N VAL B 20 24.28 15.98 29.06
CA VAL B 20 24.04 17.27 28.39
C VAL B 20 22.61 17.82 28.64
N TRP B 21 21.64 16.93 28.85
CA TRP B 21 20.23 17.34 29.01
C TRP B 21 19.69 17.04 30.38
N GLU B 22 18.91 17.98 30.90
CA GLU B 22 18.16 17.82 32.15
C GLU B 22 16.66 17.71 31.86
N ILE B 23 16.05 16.60 32.27
CA ILE B 23 14.61 16.42 32.16
C ILE B 23 13.93 17.30 33.22
N VAL B 24 13.15 18.29 32.77
CA VAL B 24 12.51 19.26 33.68
C VAL B 24 10.97 19.24 33.66
N GLY B 25 10.38 18.30 32.91
CA GLY B 25 8.93 18.19 32.84
C GLY B 25 8.48 17.02 31.98
N GLU B 26 7.16 16.83 31.91
CA GLU B 26 6.59 15.80 31.03
C GLU B 26 5.57 16.47 30.11
N LEU B 27 5.48 15.97 28.87
CA LEU B 27 4.54 16.53 27.88
C LEU B 27 3.49 15.48 27.45
N GLY B 28 3.91 14.48 26.70
CA GLY B 28 2.99 13.45 26.18
C GLY B 28 3.44 12.05 26.54
N ASP B 29 2.50 11.12 26.46
CA ASP B 29 2.80 9.69 26.64
C ASP B 29 2.23 8.94 25.44
N GLY B 30 2.71 9.29 24.24
CA GLY B 30 2.35 8.55 23.03
C GLY B 30 2.83 7.11 23.17
N ALA B 31 2.00 6.16 22.74
CA ALA B 31 2.27 4.72 22.95
C ALA B 31 3.71 4.27 22.59
N PHE B 32 4.40 5.04 21.76
CA PHE B 32 5.81 4.82 21.44
C PHE B 32 6.70 4.82 22.68
N GLY B 33 6.59 5.88 23.47
CA GLY B 33 7.32 6.04 24.72
C GLY B 33 6.96 7.36 25.36
N LYS B 34 7.66 7.72 26.44
CA LYS B 34 7.44 8.99 27.11
C LYS B 34 8.04 10.16 26.30
N VAL B 35 7.54 11.38 26.56
CA VAL B 35 8.07 12.60 25.95
C VAL B 35 8.25 13.67 27.04
N TYR B 36 9.48 14.20 27.16
CA TYR B 36 9.81 15.15 28.23
C TYR B 36 10.09 16.56 27.71
N LYS B 37 9.81 17.55 28.55
CA LYS B 37 10.41 18.86 28.42
C LYS B 37 11.83 18.72 28.97
N ALA B 38 12.83 19.14 28.19
CA ALA B 38 14.24 19.02 28.58
C ALA B 38 14.96 20.37 28.45
N LYS B 39 15.90 20.63 29.36
CA LYS B 39 16.69 21.86 29.36
C LYS B 39 18.18 21.55 29.21
N ASN B 40 18.83 22.25 28.28
CA ASN B 40 20.26 22.06 28.00
C ASN B 40 21.13 22.63 29.13
N LYS B 41 21.96 21.79 29.75
CA LYS B 41 22.82 22.20 30.88
C LYS B 41 23.86 23.27 30.51
N GLU B 42 24.49 23.15 29.34
CA GLU B 42 25.37 24.21 28.83
C GLU B 42 24.66 25.52 28.44
N THR B 43 23.67 25.45 27.53
CA THR B 43 23.07 26.63 26.87
C THR B 43 21.77 27.18 27.50
N GLY B 44 20.97 26.30 28.07
CA GLY B 44 19.66 26.69 28.59
C GLY B 44 18.55 26.41 27.58
N ALA B 45 18.93 26.19 26.32
CA ALA B 45 18.00 25.78 25.26
C ALA B 45 17.00 24.72 25.73
N LEU B 46 15.74 24.88 25.32
CA LEU B 46 14.68 23.96 25.68
C LEU B 46 14.37 23.02 24.50
N ALA B 47 14.03 21.79 24.84
CA ALA B 47 13.79 20.76 23.84
C ALA B 47 12.68 19.86 24.34
N ALA B 48 12.05 19.18 23.41
CA ALA B 48 11.07 18.13 23.67
C ALA B 48 11.84 16.86 23.34
N ALA B 49 11.90 15.92 24.27
CA ALA B 49 12.67 14.70 24.13
C ALA B 49 11.77 13.45 24.10
N LYS B 50 11.78 12.73 22.98
CA LYS B 50 11.08 11.45 22.88
C LYS B 50 12.05 10.29 23.19
N VAL B 51 11.72 9.51 24.21
CA VAL B 51 12.59 8.41 24.66
C VAL B 51 11.84 7.11 24.46
N ILE B 52 12.47 6.20 23.72
CA ILE B 52 11.82 4.96 23.30
C ILE B 52 12.65 3.79 23.80
N GLU B 53 12.03 2.91 24.59
CA GLU B 53 12.60 1.62 24.99
C GLU B 53 12.70 0.67 23.82
N GLU B 58 16.99 -5.05 17.03
CA GLU B 58 16.98 -3.93 16.10
C GLU B 58 15.55 -3.55 15.70
N GLU B 59 14.69 -3.33 16.69
CA GLU B 59 13.41 -2.65 16.47
C GLU B 59 13.65 -1.16 16.19
N LEU B 60 14.86 -0.70 16.53
CA LEU B 60 15.35 0.63 16.18
C LEU B 60 15.30 0.92 14.69
N GLU B 61 15.35 -0.13 13.85
CA GLU B 61 15.26 0.01 12.39
C GLU B 61 14.09 0.88 11.95
N ASP B 62 12.91 0.60 12.49
CA ASP B 62 11.71 1.39 12.20
C ASP B 62 11.89 2.84 12.65
N TYR B 63 12.56 3.02 13.78
CA TYR B 63 12.66 4.34 14.42
C TYR B 63 13.75 5.26 13.85
N ILE B 64 14.79 4.69 13.25
CA ILE B 64 15.85 5.48 12.61
C ILE B 64 15.29 6.23 11.38
N VAL B 65 14.24 5.68 10.78
CA VAL B 65 13.62 6.29 9.62
C VAL B 65 13.18 7.72 9.97
N GLU B 66 12.55 7.89 11.14
CA GLU B 66 12.04 9.20 11.58
C GLU B 66 13.18 10.24 11.67
N ILE B 67 14.33 9.81 12.17
CA ILE B 67 15.45 10.71 12.42
C ILE B 67 16.11 11.17 11.11
N GLU B 68 16.21 10.25 10.15
CA GLU B 68 16.72 10.58 8.81
C GLU B 68 15.81 11.57 8.10
N ILE B 69 14.49 11.39 8.22
CA ILE B 69 13.55 12.38 7.69
C ILE B 69 13.79 13.75 8.37
N LEU B 70 13.68 13.80 9.68
CA LEU B 70 13.91 15.05 10.40
C LEU B 70 15.25 15.69 10.03
N ALA B 71 16.31 14.87 9.92
CA ALA B 71 17.66 15.36 9.59
C ALA B 71 17.69 16.02 8.21
N THR B 72 16.88 15.56 7.29
CA THR B 72 16.79 16.16 5.96
C THR B 72 15.91 17.40 5.92
N CYS B 73 15.00 17.52 6.89
CA CYS B 73 13.95 18.55 6.85
C CYS B 73 14.37 19.80 7.60
N ASP B 74 15.44 20.43 7.13
CA ASP B 74 15.88 21.70 7.67
C ASP B 74 15.17 22.87 6.98
N HIS B 75 14.17 23.42 7.65
CA HIS B 75 13.36 24.47 7.10
C HIS B 75 12.74 25.25 8.27
N PRO B 76 12.51 26.59 8.11
CA PRO B 76 11.90 27.43 9.17
C PRO B 76 10.54 26.95 9.75
N TYR B 77 9.75 26.28 8.94
CA TYR B 77 8.43 25.88 9.35
C TYR B 77 8.25 24.36 9.57
N ILE B 78 9.34 23.67 9.90
CA ILE B 78 9.25 22.28 10.19
C ILE B 78 10.06 22.06 11.45
N VAL B 79 9.57 21.18 12.34
CA VAL B 79 10.28 20.97 13.64
C VAL B 79 11.73 20.73 13.35
N LYS B 80 12.58 21.15 14.28
CA LYS B 80 14.01 21.19 14.10
C LYS B 80 14.71 20.18 15.05
N LEU B 81 15.40 19.21 14.47
CA LEU B 81 16.02 18.12 15.19
C LEU B 81 17.27 18.68 15.77
N LEU B 82 17.41 18.57 17.08
CA LEU B 82 18.60 19.03 17.79
C LEU B 82 19.57 17.91 18.03
N GLY B 83 19.06 16.69 18.09
CA GLY B 83 19.96 15.57 18.32
C GLY B 83 19.21 14.27 18.44
N ALA B 84 19.96 13.18 18.29
CA ALA B 84 19.40 11.84 18.48
C ALA B 84 20.49 11.01 19.11
N TYR B 85 20.16 10.33 20.20
CA TYR B 85 21.10 9.48 20.90
C TYR B 85 20.52 8.08 21.10
N TYR B 86 21.37 7.06 21.06
CA TYR B 86 20.97 5.73 21.52
C TYR B 86 21.92 5.35 22.66
N HIS B 87 21.37 5.16 23.86
CA HIS B 87 22.16 4.95 25.06
C HIS B 87 21.38 4.21 26.13
N ASP B 88 21.99 3.16 26.68
CA ASP B 88 21.38 2.30 27.71
C ASP B 88 20.00 1.76 27.30
N GLY B 89 19.96 1.20 26.09
CA GLY B 89 18.75 0.59 25.55
C GLY B 89 17.61 1.55 25.19
N LYS B 90 17.87 2.86 25.24
CA LYS B 90 16.85 3.86 24.99
C LYS B 90 17.28 4.79 23.86
N LEU B 91 16.34 5.08 22.96
CA LEU B 91 16.55 5.99 21.83
C LEU B 91 15.99 7.36 22.20
N TRP B 92 16.82 8.39 22.09
CA TRP B 92 16.43 9.76 22.37
C TRP B 92 16.34 10.54 21.09
N ILE B 93 15.21 11.24 20.90
CA ILE B 93 15.02 12.15 19.77
C ILE B 93 14.65 13.52 20.31
N MET B 94 15.52 14.50 20.08
CA MET B 94 15.44 15.82 20.70
C MET B 94 15.07 16.85 19.66
N ILE B 95 13.85 17.40 19.76
CA ILE B 95 13.34 18.43 18.87
C ILE B 95 13.34 19.78 19.59
N GLU B 96 13.51 20.87 18.83
CA GLU B 96 13.46 22.19 19.45
C GLU B 96 12.06 22.39 20.03
N PHE B 97 12.01 22.92 21.26
CA PHE B 97 10.74 23.15 21.96
C PHE B 97 9.98 24.34 21.36
N CYS B 98 8.70 24.11 21.11
CA CYS B 98 7.75 25.10 20.52
C CYS B 98 6.80 25.48 21.66
N PRO B 99 7.11 26.58 22.37
CA PRO B 99 6.33 26.89 23.56
C PRO B 99 4.83 27.15 23.32
N GLY B 100 4.39 27.37 22.09
CA GLY B 100 2.99 27.68 21.88
C GLY B 100 2.05 26.49 21.90
N GLY B 101 2.60 25.30 21.85
CA GLY B 101 1.79 24.09 21.75
C GLY B 101 1.18 23.94 20.36
N ALA B 102 0.30 22.96 20.20
CA ALA B 102 -0.36 22.67 18.92
C ALA B 102 -1.60 23.53 18.69
N VAL B 103 -1.93 23.79 17.43
CA VAL B 103 -3.06 24.71 17.09
C VAL B 103 -4.41 24.17 17.62
N ASP B 104 -4.64 22.86 17.55
CA ASP B 104 -5.90 22.31 18.07
C ASP B 104 -6.12 22.58 19.58
N ALA B 105 -5.05 22.41 20.37
CA ALA B 105 -5.08 22.73 21.78
C ALA B 105 -5.34 24.23 22.02
N ILE B 106 -4.77 25.10 21.17
CA ILE B 106 -4.97 26.52 21.28
C ILE B 106 -6.47 26.86 21.10
N MET B 107 -7.11 26.17 20.17
CA MET B 107 -8.51 26.42 19.95
C MET B 107 -9.32 25.91 21.15
N LEU B 108 -8.89 24.85 21.80
CA LEU B 108 -9.63 24.34 22.96
C LEU B 108 -9.48 25.31 24.12
N GLU B 109 -8.27 25.83 24.30
CA GLU B 109 -7.99 26.76 25.43
C GLU B 109 -8.72 28.09 25.25
N LEU B 110 -8.82 28.59 24.02
CA LEU B 110 -9.58 29.82 23.77
C LEU B 110 -11.05 29.60 23.52
N ASP B 111 -11.44 28.34 23.37
CA ASP B 111 -12.80 27.99 23.06
C ASP B 111 -13.31 28.73 21.83
N ARG B 112 -12.48 28.81 20.80
CA ARG B 112 -12.90 29.31 19.49
C ARG B 112 -11.94 28.85 18.38
N GLY B 113 -12.44 29.00 17.18
CA GLY B 113 -11.68 28.84 15.97
C GLY B 113 -10.75 30.02 15.74
N LEU B 114 -9.91 29.91 14.71
CA LEU B 114 -9.01 31.01 14.32
C LEU B 114 -9.80 32.02 13.45
N THR B 115 -9.35 33.27 13.46
CA THR B 115 -9.88 34.31 12.60
C THR B 115 -9.37 33.98 11.23
N GLU B 116 -9.99 34.51 10.19
CA GLU B 116 -9.48 34.30 8.85
C GLU B 116 -8.03 34.76 8.72
N PRO B 117 -7.67 35.95 9.27
CA PRO B 117 -6.28 36.34 9.10
C PRO B 117 -5.26 35.40 9.76
N GLN B 118 -5.65 34.73 10.83
CA GLN B 118 -4.72 33.74 11.50
C GLN B 118 -4.64 32.46 10.61
N ILE B 119 -5.75 32.10 9.96
CA ILE B 119 -5.74 30.96 9.11
C ILE B 119 -4.92 31.20 7.82
N GLN B 120 -4.95 32.43 7.27
CA GLN B 120 -4.08 32.78 6.15
C GLN B 120 -2.56 32.64 6.48
N VAL B 121 -2.16 33.06 7.65
CA VAL B 121 -0.74 32.93 8.02
C VAL B 121 -0.45 31.44 8.09
N VAL B 122 -1.23 30.67 8.86
CA VAL B 122 -1.08 29.23 8.91
C VAL B 122 -1.04 28.59 7.55
N CYS B 123 -1.97 28.95 6.68
CA CYS B 123 -2.06 28.36 5.40
C CYS B 123 -0.79 28.68 4.58
N ARG B 124 -0.36 29.93 4.62
CA ARG B 124 0.79 30.35 3.87
C ARG B 124 2.00 29.54 4.27
N GLN B 125 2.24 29.45 5.56
CA GLN B 125 3.46 28.80 6.07
C GLN B 125 3.40 27.25 5.91
N MET B 126 2.21 26.65 5.99
CA MET B 126 2.02 25.22 5.71
C MET B 126 2.35 24.93 4.25
N LEU B 127 1.77 25.72 3.34
CA LEU B 127 2.07 25.60 1.92
C LEU B 127 3.59 25.66 1.67
N GLU B 128 4.28 26.63 2.24
CA GLU B 128 5.73 26.69 2.12
C GLU B 128 6.41 25.42 2.64
N ALA B 129 5.93 24.91 3.78
CA ALA B 129 6.55 23.70 4.37
C ALA B 129 6.27 22.49 3.47
N LEU B 130 5.08 22.43 2.89
CA LEU B 130 4.70 21.29 2.09
C LEU B 130 5.45 21.36 0.78
N ASN B 131 5.57 22.55 0.21
CA ASN B 131 6.32 22.68 -1.00
C ASN B 131 7.74 22.12 -0.78
N PHE B 132 8.34 22.43 0.37
CA PHE B 132 9.67 21.88 0.73
C PHE B 132 9.69 20.34 0.88
N LEU B 133 8.80 19.78 1.71
CA LEU B 133 8.71 18.33 1.87
C LEU B 133 8.54 17.59 0.51
N HIS B 134 7.61 18.06 -0.32
CA HIS B 134 7.30 17.41 -1.58
C HIS B 134 8.43 17.51 -2.60
N SER B 135 9.15 18.62 -2.59
CA SER B 135 10.27 18.78 -3.48
C SER B 135 11.43 17.90 -3.00
N LYS B 136 11.37 17.41 -1.76
CA LYS B 136 12.32 16.38 -1.31
C LYS B 136 11.74 14.95 -1.38
N ARG B 137 10.57 14.80 -2.05
CA ARG B 137 9.88 13.50 -2.17
C ARG B 137 9.42 12.96 -0.82
N ILE B 138 9.12 13.87 0.11
CA ILE B 138 8.58 13.49 1.40
C ILE B 138 7.12 13.84 1.43
N ILE B 139 6.31 12.87 1.82
CA ILE B 139 4.91 13.10 1.99
C ILE B 139 4.58 12.99 3.49
N HIS B 140 3.76 13.91 3.98
CA HIS B 140 3.47 13.97 5.40
C HIS B 140 2.47 12.89 5.76
N ARG B 141 1.32 12.93 5.09
CA ARG B 141 0.24 11.96 5.18
C ARG B 141 -0.58 11.96 6.45
N ASP B 142 -0.31 12.87 7.36
CA ASP B 142 -1.20 13.00 8.53
C ASP B 142 -1.45 14.47 8.92
N LEU B 143 -1.63 15.34 7.95
CA LEU B 143 -1.85 16.74 8.31
C LEU B 143 -3.15 16.93 9.09
N LYS B 144 -3.07 17.77 10.10
CA LYS B 144 -4.19 18.15 10.94
C LYS B 144 -3.70 19.24 11.88
N ALA B 145 -4.61 19.95 12.54
CA ALA B 145 -4.20 21.05 13.45
C ALA B 145 -3.34 20.55 14.63
N GLY B 146 -3.52 19.29 15.02
CA GLY B 146 -2.73 18.72 16.14
C GLY B 146 -1.29 18.50 15.79
N ASN B 147 -0.98 18.57 14.48
CA ASN B 147 0.37 18.47 13.96
C ASN B 147 0.95 19.79 13.54
N VAL B 148 0.35 20.90 13.95
CA VAL B 148 0.97 22.21 13.75
C VAL B 148 1.36 22.85 15.05
N LEU B 149 2.64 22.87 15.34
CA LEU B 149 3.14 23.48 16.57
C LEU B 149 3.35 24.99 16.34
N MET B 150 3.27 25.80 17.39
CA MET B 150 3.42 27.27 17.28
C MET B 150 4.62 27.73 18.10
N THR B 151 5.40 28.67 17.56
CA THR B 151 6.39 29.40 18.34
C THR B 151 5.81 30.70 18.82
N LEU B 152 6.49 31.31 19.77
CA LEU B 152 5.96 32.54 20.39
C LEU B 152 6.14 33.74 19.47
N GLU B 153 6.95 33.58 18.42
CA GLU B 153 7.07 34.58 17.37
C GLU B 153 5.86 34.57 16.46
N GLY B 154 5.02 33.54 16.56
CA GLY B 154 3.91 33.38 15.61
C GLY B 154 4.30 32.64 14.34
N ASP B 155 5.32 31.78 14.39
CA ASP B 155 5.54 30.86 13.27
C ASP B 155 5.04 29.47 13.59
N ILE B 156 4.52 28.77 12.57
CA ILE B 156 4.27 27.35 12.75
C ILE B 156 5.59 26.52 12.75
N ARG B 157 5.51 25.30 13.27
CA ARG B 157 6.45 24.22 12.99
C ARG B 157 5.59 22.98 12.70
N LEU B 158 5.64 22.48 11.49
CA LEU B 158 4.90 21.26 11.14
C LEU B 158 5.59 20.07 11.85
N ALA B 159 4.79 19.22 12.48
CA ALA B 159 5.32 18.04 13.25
C ALA B 159 4.51 16.82 12.84
N ASP B 160 4.89 15.70 13.41
CA ASP B 160 4.10 14.47 13.38
C ASP B 160 4.39 13.64 14.58
N PHE B 161 3.32 13.20 15.23
CA PHE B 161 3.40 12.44 16.43
C PHE B 161 2.75 11.06 16.22
N GLY B 162 2.82 10.22 17.26
CA GLY B 162 2.13 8.92 17.25
C GLY B 162 2.86 7.89 16.42
N VAL B 163 2.15 7.19 15.55
CA VAL B 163 2.79 6.37 14.54
C VAL B 163 3.13 7.29 13.36
N SER B 164 4.23 8.05 13.52
CA SER B 164 4.70 8.99 12.50
C SER B 164 4.40 8.45 11.11
N ALA B 165 3.65 9.21 10.32
CA ALA B 165 3.18 8.77 9.02
C ALA B 165 4.05 9.26 7.85
N LYS B 166 5.04 10.11 8.13
CA LYS B 166 5.94 10.64 7.08
C LYS B 166 6.81 9.55 6.42
N ASN B 167 7.06 9.71 5.13
CA ASN B 167 7.78 8.69 4.34
C ASN B 167 8.16 9.21 2.94
N LEU B 168 9.28 8.69 2.40
CA LEU B 168 9.69 8.97 1.02
C LEU B 168 8.64 8.36 0.07
N PHE B 177 6.43 -3.68 -7.10
CA PHE B 177 5.68 -4.25 -8.20
C PHE B 177 4.72 -5.34 -7.70
N ILE B 178 3.48 -4.96 -7.42
CA ILE B 178 2.43 -5.92 -6.98
C ILE B 178 1.74 -6.73 -8.10
N GLY B 179 2.53 -7.37 -8.96
CA GLY B 179 2.01 -8.18 -10.09
C GLY B 179 2.58 -7.79 -11.45
N THR B 180 2.37 -8.63 -12.46
CA THR B 180 2.83 -8.34 -13.83
C THR B 180 1.75 -7.51 -14.54
N PRO B 181 2.17 -6.44 -15.25
CA PRO B 181 1.23 -5.35 -15.52
C PRO B 181 0.06 -5.68 -16.45
N TYR B 182 0.27 -6.54 -17.45
CA TYR B 182 -0.81 -6.91 -18.40
C TYR B 182 -2.02 -7.54 -17.68
N TRP B 183 -1.80 -8.23 -16.56
CA TRP B 183 -2.89 -8.94 -15.83
C TRP B 183 -3.47 -8.14 -14.65
N MET B 184 -2.97 -6.94 -14.40
CA MET B 184 -3.37 -6.13 -13.24
C MET B 184 -4.77 -5.53 -13.37
N ALA B 185 -5.56 -5.64 -12.30
CA ALA B 185 -6.88 -5.01 -12.20
C ALA B 185 -6.74 -3.50 -12.20
N PRO B 186 -7.71 -2.79 -12.79
CA PRO B 186 -7.63 -1.34 -12.86
C PRO B 186 -7.45 -0.67 -11.51
N GLU B 187 -8.18 -1.13 -10.47
CA GLU B 187 -8.05 -0.54 -9.13
C GLU B 187 -6.64 -0.71 -8.55
N VAL B 188 -5.95 -1.80 -8.94
CA VAL B 188 -4.57 -2.04 -8.46
C VAL B 188 -3.59 -1.11 -9.21
N VAL B 189 -3.82 -0.91 -10.51
CA VAL B 189 -3.03 0.05 -11.28
C VAL B 189 -3.19 1.44 -10.64
N MET B 190 -4.42 1.82 -10.32
CA MET B 190 -4.70 3.14 -9.76
C MET B 190 -4.05 3.33 -8.39
N CYS B 191 -4.10 2.31 -7.54
CA CYS B 191 -3.54 2.43 -6.21
C CYS B 191 -2.01 2.29 -6.18
N GLU B 192 -1.43 1.69 -7.21
CA GLU B 192 0.05 1.79 -7.43
C GLU B 192 0.48 3.14 -8.01
N THR B 193 -0.31 3.69 -8.95
CA THR B 193 0.00 5.01 -9.53
C THR B 193 -0.12 6.12 -8.49
N MET B 194 -1.00 5.96 -7.50
CA MET B 194 -1.16 6.94 -6.40
C MET B 194 0.05 6.96 -5.44
N LYS B 195 0.92 5.96 -5.53
CA LYS B 195 2.05 5.80 -4.59
C LYS B 195 3.39 6.42 -5.03
N ASP B 196 3.48 6.90 -6.27
CA ASP B 196 4.66 7.64 -6.70
C ASP B 196 4.27 9.03 -7.24
N THR B 197 5.27 9.78 -7.67
CA THR B 197 5.07 11.14 -8.19
C THR B 197 4.23 11.15 -9.47
N PRO B 198 3.40 12.20 -9.68
CA PRO B 198 3.10 13.35 -8.84
C PRO B 198 1.78 13.21 -8.04
N TYR B 199 1.29 11.98 -7.91
CA TYR B 199 -0.02 11.75 -7.31
C TYR B 199 0.05 11.66 -5.79
N ASP B 200 1.10 11.04 -5.27
CA ASP B 200 1.22 10.80 -3.85
C ASP B 200 1.20 12.08 -3.01
N TYR B 201 1.85 13.14 -3.49
CA TYR B 201 1.91 14.40 -2.78
C TYR B 201 0.52 15.05 -2.66
N LYS B 202 -0.36 14.78 -3.59
CA LYS B 202 -1.69 15.41 -3.62
C LYS B 202 -2.54 15.15 -2.40
N ALA B 203 -2.30 14.00 -1.74
CA ALA B 203 -3.02 13.63 -0.52
C ALA B 203 -2.87 14.71 0.56
N ASP B 204 -1.64 15.20 0.75
CA ASP B 204 -1.36 16.31 1.67
C ASP B 204 -2.15 17.61 1.31
N ILE B 205 -2.37 17.89 0.04
CA ILE B 205 -3.10 19.12 -0.36
C ILE B 205 -4.55 19.04 0.11
N TRP B 206 -5.18 17.88 -0.10
CA TRP B 206 -6.47 17.58 0.52
C TRP B 206 -6.52 17.74 2.00
N SER B 207 -5.59 17.11 2.73
CA SER B 207 -5.58 17.15 4.19
C SER B 207 -5.36 18.56 4.69
N LEU B 208 -4.60 19.35 3.92
CA LEU B 208 -4.42 20.78 4.22
C LEU B 208 -5.75 21.50 4.18
N GLY B 209 -6.50 21.28 3.10
CA GLY B 209 -7.82 21.86 3.03
C GLY B 209 -8.68 21.50 4.24
N ILE B 210 -8.61 20.25 4.70
CA ILE B 210 -9.46 19.85 5.83
C ILE B 210 -8.94 20.53 7.10
N THR B 211 -7.61 20.67 7.24
CA THR B 211 -7.02 21.31 8.43
C THR B 211 -7.53 22.78 8.53
N LEU B 212 -7.71 23.46 7.39
CA LEU B 212 -8.22 24.81 7.34
C LEU B 212 -9.67 24.93 7.82
N ILE B 213 -10.47 23.92 7.50
CA ILE B 213 -11.82 23.83 8.02
C ILE B 213 -11.79 23.56 9.52
N GLU B 214 -10.93 22.64 9.95
CA GLU B 214 -10.79 22.37 11.34
C GLU B 214 -10.44 23.67 12.09
N MET B 215 -9.51 24.46 11.58
CA MET B 215 -9.11 25.70 12.25
C MET B 215 -10.21 26.75 12.20
N ALA B 216 -11.02 26.72 11.16
CA ALA B 216 -12.15 27.62 11.05
C ALA B 216 -13.36 27.22 11.96
N GLN B 217 -13.58 25.91 12.11
CA GLN B 217 -14.77 25.40 12.79
C GLN B 217 -14.50 24.60 14.06
N ILE B 218 -13.23 24.48 14.45
CA ILE B 218 -12.76 23.67 15.58
C ILE B 218 -12.70 22.15 15.30
N GLU B 219 -13.77 21.64 14.73
CA GLU B 219 -13.88 20.24 14.35
C GLU B 219 -13.73 20.09 12.85
N PRO B 220 -13.09 18.98 12.39
CA PRO B 220 -13.12 18.70 10.95
C PRO B 220 -14.52 18.32 10.47
N PRO B 221 -14.77 18.33 9.15
CA PRO B 221 -16.02 17.79 8.61
C PRO B 221 -16.30 16.34 9.04
N HIS B 222 -17.58 16.00 9.21
CA HIS B 222 -18.03 14.66 9.57
C HIS B 222 -17.58 14.23 10.97
N HIS B 223 -17.22 15.19 11.81
CA HIS B 223 -16.70 14.87 13.15
C HIS B 223 -17.71 14.10 14.00
N GLU B 224 -19.00 14.17 13.61
CA GLU B 224 -20.07 13.51 14.35
C GLU B 224 -20.12 12.01 14.11
N LEU B 225 -19.57 11.57 12.97
CA LEU B 225 -19.62 10.17 12.60
C LEU B 225 -18.47 9.42 13.23
N ASN B 226 -18.68 8.15 13.55
CA ASN B 226 -17.57 7.34 14.05
C ASN B 226 -16.54 7.13 12.92
N PRO B 227 -15.29 6.79 13.29
CA PRO B 227 -14.14 6.76 12.37
C PRO B 227 -14.29 5.87 11.14
N MET B 228 -15.04 4.78 11.27
CA MET B 228 -15.26 3.85 10.20
C MET B 228 -16.28 4.37 9.20
N ARG B 229 -17.37 4.93 9.71
CA ARG B 229 -18.37 5.54 8.84
C ARG B 229 -17.81 6.78 8.09
N VAL B 230 -16.89 7.51 8.70
CA VAL B 230 -16.41 8.74 8.05
C VAL B 230 -15.62 8.41 6.76
N LEU B 231 -14.91 7.29 6.72
CA LEU B 231 -14.25 6.80 5.47
C LEU B 231 -15.23 6.67 4.30
N LEU B 232 -16.33 5.96 4.52
CA LEU B 232 -17.40 5.85 3.54
C LEU B 232 -17.83 7.23 3.09
N LYS B 233 -18.08 8.10 4.06
CA LYS B 233 -18.55 9.45 3.81
C LYS B 233 -17.59 10.26 2.92
N ILE B 234 -16.29 10.20 3.23
CA ILE B 234 -15.28 10.91 2.44
C ILE B 234 -15.27 10.43 0.99
N ALA B 235 -15.38 9.13 0.80
CA ALA B 235 -15.26 8.52 -0.52
C ALA B 235 -16.44 8.89 -1.41
N LYS B 236 -17.63 8.94 -0.82
CA LYS B 236 -18.88 9.04 -1.57
C LYS B 236 -19.53 10.43 -1.61
N SER B 237 -19.17 11.32 -0.70
CA SER B 237 -19.76 12.65 -0.64
C SER B 237 -19.03 13.67 -1.51
N ASP B 238 -19.75 14.74 -1.86
CA ASP B 238 -19.11 15.93 -2.42
C ASP B 238 -18.09 16.47 -1.43
N PRO B 239 -17.10 17.23 -1.90
CA PRO B 239 -16.11 17.76 -0.97
C PRO B 239 -16.76 18.67 0.07
N PRO B 240 -16.19 18.72 1.28
CA PRO B 240 -16.78 19.55 2.34
C PRO B 240 -16.59 21.03 2.08
N THR B 241 -17.47 21.86 2.60
CA THR B 241 -17.36 23.30 2.48
C THR B 241 -17.60 23.91 3.87
N LEU B 242 -17.34 25.21 4.01
CA LEU B 242 -17.52 25.89 5.30
C LEU B 242 -19.01 26.00 5.69
N LEU B 243 -19.31 25.78 6.96
CA LEU B 243 -20.71 25.78 7.46
C LEU B 243 -21.45 27.11 7.29
N THR B 244 -20.77 28.23 7.55
CA THR B 244 -21.39 29.54 7.41
C THR B 244 -20.60 30.39 6.43
N PRO B 245 -20.81 30.18 5.13
CA PRO B 245 -19.96 30.82 4.12
C PRO B 245 -19.92 32.35 4.22
N SER B 246 -20.95 32.96 4.79
CA SER B 246 -21.01 34.43 4.93
C SER B 246 -20.02 34.98 5.95
N LYS B 247 -19.47 34.12 6.80
CA LYS B 247 -18.42 34.55 7.72
C LYS B 247 -17.05 34.71 7.03
N TRP B 248 -16.89 34.19 5.81
CA TRP B 248 -15.57 33.99 5.22
C TRP B 248 -15.46 34.60 3.87
N SER B 249 -14.25 35.02 3.51
CA SER B 249 -14.05 35.69 2.23
C SER B 249 -14.16 34.70 1.08
N VAL B 250 -14.38 35.24 -0.11
CA VAL B 250 -14.48 34.43 -1.31
C VAL B 250 -13.14 33.79 -1.63
N GLU B 251 -12.06 34.46 -1.32
CA GLU B 251 -10.72 33.87 -1.49
C GLU B 251 -10.53 32.56 -0.68
N PHE B 252 -11.04 32.51 0.54
CA PHE B 252 -10.95 31.33 1.42
C PHE B 252 -11.78 30.18 0.85
N ARG B 253 -13.00 30.49 0.47
CA ARG B 253 -13.92 29.50 -0.08
C ARG B 253 -13.48 28.96 -1.43
N ASP B 254 -12.97 29.82 -2.31
CA ASP B 254 -12.33 29.38 -3.55
C ASP B 254 -11.05 28.55 -3.32
N PHE B 255 -10.25 28.93 -2.37
CA PHE B 255 -9.05 28.14 -2.05
C PHE B 255 -9.44 26.71 -1.66
N LEU B 256 -10.44 26.56 -0.78
CA LEU B 256 -10.98 25.26 -0.39
C LEU B 256 -11.56 24.47 -1.54
N LYS B 257 -12.38 25.13 -2.34
CA LYS B 257 -13.00 24.51 -3.50
C LYS B 257 -11.96 23.85 -4.41
N ILE B 258 -10.89 24.59 -4.68
CA ILE B 258 -9.80 24.15 -5.50
C ILE B 258 -8.93 23.08 -4.79
N ALA B 259 -8.60 23.28 -3.51
CA ALA B 259 -7.79 22.30 -2.81
C ALA B 259 -8.56 20.99 -2.56
N LEU B 260 -9.87 21.08 -2.30
CA LEU B 260 -10.66 19.88 -1.93
C LEU B 260 -11.31 19.31 -3.20
N ASP B 261 -10.44 19.06 -4.17
CA ASP B 261 -10.78 18.42 -5.43
C ASP B 261 -10.64 16.92 -5.21
N LYS B 262 -11.72 16.17 -5.41
CA LYS B 262 -11.66 14.72 -5.19
C LYS B 262 -10.72 14.01 -6.18
N ASN B 263 -10.47 14.62 -7.33
CA ASN B 263 -9.58 14.07 -8.33
C ASN B 263 -8.11 14.48 -8.10
N PRO B 264 -7.27 13.54 -7.65
CA PRO B 264 -5.89 13.93 -7.40
C PRO B 264 -5.12 14.40 -8.66
N GLU B 265 -5.57 14.02 -9.87
CA GLU B 265 -4.89 14.47 -11.12
C GLU B 265 -5.03 15.98 -11.32
N THR B 266 -6.21 16.53 -11.04
CA THR B 266 -6.45 17.96 -11.18
C THR B 266 -6.21 18.76 -9.87
N ARG B 267 -5.97 18.08 -8.74
CA ARG B 267 -5.78 18.80 -7.49
C ARG B 267 -4.45 19.56 -7.61
N PRO B 268 -4.45 20.86 -7.27
CA PRO B 268 -3.21 21.61 -7.49
C PRO B 268 -2.16 21.20 -6.49
N SER B 269 -0.91 21.56 -6.80
CA SER B 269 0.24 21.34 -5.93
C SER B 269 0.42 22.49 -4.88
N ALA B 270 1.31 22.27 -3.92
CA ALA B 270 1.62 23.33 -2.98
C ALA B 270 2.17 24.59 -3.69
N ALA B 271 3.05 24.43 -4.68
CA ALA B 271 3.65 25.57 -5.38
C ALA B 271 2.57 26.37 -6.09
N GLN B 272 1.58 25.70 -6.64
CA GLN B 272 0.49 26.39 -7.32
C GLN B 272 -0.38 27.19 -6.35
N LEU B 273 -0.76 26.57 -5.24
CA LEU B 273 -1.60 27.22 -4.27
C LEU B 273 -0.95 28.44 -3.60
N LEU B 274 0.39 28.48 -3.58
CA LEU B 274 1.08 29.66 -3.06
C LEU B 274 0.83 30.92 -3.92
N GLU B 275 0.26 30.76 -5.12
CA GLU B 275 -0.06 31.90 -5.97
C GLU B 275 -1.53 32.24 -5.87
N HIS B 276 -2.27 31.51 -5.04
CA HIS B 276 -3.71 31.79 -4.93
C HIS B 276 -3.87 33.04 -4.09
N PRO B 277 -4.85 33.89 -4.41
CA PRO B 277 -4.96 35.13 -3.63
C PRO B 277 -5.24 34.96 -2.14
N PHE B 278 -5.62 33.76 -1.70
CA PHE B 278 -5.87 33.53 -0.27
C PHE B 278 -4.60 33.74 0.50
N VAL B 279 -3.48 33.45 -0.13
CA VAL B 279 -2.16 33.50 0.55
C VAL B 279 -1.08 34.30 -0.17
N SER B 280 -1.30 34.69 -1.41
CA SER B 280 -0.21 35.28 -2.23
C SER B 280 0.26 36.65 -1.73
N SER B 281 -0.59 37.37 -1.00
CA SER B 281 -0.24 38.67 -0.44
C SER B 281 0.13 38.64 1.03
N ILE B 282 0.16 37.47 1.65
CA ILE B 282 0.49 37.39 3.07
C ILE B 282 1.98 37.57 3.21
N THR B 283 2.37 38.66 3.84
CA THR B 283 3.78 38.96 4.09
C THR B 283 4.11 39.17 5.57
N SER B 284 3.14 38.98 6.46
CA SER B 284 3.32 39.18 7.89
C SER B 284 2.72 38.05 8.71
N ASN B 285 3.37 37.67 9.82
CA ASN B 285 2.81 36.64 10.70
C ASN B 285 2.14 37.29 11.93
N LYS B 286 1.92 38.61 11.85
CA LYS B 286 1.32 39.39 12.97
C LYS B 286 0.11 38.73 13.60
N ALA B 287 -0.88 38.38 12.76
CA ALA B 287 -2.13 37.80 13.21
C ALA B 287 -1.92 36.52 14.04
N LEU B 288 -0.91 35.71 13.67
CA LEU B 288 -0.64 34.48 14.35
C LEU B 288 0.20 34.70 15.61
N ARG B 289 1.11 35.67 15.59
CA ARG B 289 1.79 36.10 16.82
C ARG B 289 0.76 36.55 17.88
N GLU B 290 -0.31 37.23 17.45
CA GLU B 290 -1.33 37.76 18.37
C GLU B 290 -2.10 36.57 19.00
N LEU B 291 -2.45 35.58 18.17
CA LEU B 291 -3.09 34.37 18.63
C LEU B 291 -2.27 33.71 19.72
N VAL B 292 -0.97 33.57 19.51
CA VAL B 292 -0.18 32.85 20.48
C VAL B 292 -0.03 33.67 21.78
N ALA B 293 0.12 34.99 21.68
CA ALA B 293 0.13 35.84 22.89
C ALA B 293 -1.18 35.66 23.70
N GLU B 294 -2.32 35.68 23.00
CA GLU B 294 -3.61 35.49 23.66
C GLU B 294 -3.75 34.12 24.31
N ALA B 295 -3.30 33.07 23.66
CA ALA B 295 -3.37 31.72 24.22
C ALA B 295 -2.58 31.61 25.49
N LYS B 296 -1.37 32.15 25.42
CA LYS B 296 -0.49 32.21 26.60
C LYS B 296 -1.14 32.98 27.75
N ALA B 297 -1.79 34.11 27.47
CA ALA B 297 -2.41 34.89 28.55
C ALA B 297 -3.59 34.11 29.14
N GLU B 298 -4.30 33.37 28.30
CA GLU B 298 -5.43 32.53 28.73
C GLU B 298 -4.93 31.36 29.60
N VAL B 299 -3.94 30.66 29.12
CA VAL B 299 -3.34 29.58 29.91
C VAL B 299 -3.00 30.07 31.32
N MET B 300 -2.59 31.32 31.45
CA MET B 300 -2.06 31.86 32.70
C MET B 300 -3.14 32.01 33.79
N GLU B 301 -4.39 32.08 33.36
CA GLU B 301 -5.52 32.28 34.25
C GLU B 301 -5.68 31.24 35.36
N GLU B 302 -5.79 31.75 36.59
CA GLU B 302 -6.11 30.96 37.75
C GLU B 302 -6.62 31.91 38.88
#